data_6P6S
#
_entry.id   6P6S
#
_cell.length_a   36.487
_cell.length_b   36.487
_cell.length_c   267.772
_cell.angle_alpha   90.00
_cell.angle_beta   90.00
_cell.angle_gamma   90.00
#
_symmetry.space_group_name_H-M   'P 41 21 2'
#
loop_
_entity.id
_entity.type
_entity.pdbx_description
1 polymer 'Non-structural protein 4A,Serine protease NS3'
2 non-polymer Glecaprevir
3 non-polymer 1,2-ETHANEDIOL
4 non-polymer 'ZINC ION'
5 water water
#
_entity_poly.entity_id   1
_entity_poly.type   'polypeptide(L)'
_entity_poly.pdbx_seq_one_letter_code
;GSHMASHKKKGCVVIVGRINLSGDTAYAQQTRGEEGTQETSQTGRDKNVVTGEVQVLSTATQTFLGTTVGGVIWTVYHGA
GSRTLAGAKHPALQMYTNVDQDLVGWPAPPGAKSLEPCACGSSDLYLVTRDADVIPARRRGDSTASLLSPRPLAYLKGSS
GGPVMCPSGHVAGIFRAAVSTRGVAKSLQFIPVETLSTQARSP
;
_entity_poly.pdbx_strand_id   A
#
# COMPACT_ATOMS: atom_id res chain seq x y z
N GLY A 11 -3.57 19.35 0.26
CA GLY A 11 -3.84 18.90 -1.09
C GLY A 11 -4.48 17.52 -1.16
N CYS A 12 -4.46 16.93 -2.35
CA CYS A 12 -5.05 15.62 -2.60
C CYS A 12 -3.97 14.55 -2.70
N VAL A 13 -4.36 13.31 -2.42
CA VAL A 13 -3.55 12.15 -2.79
C VAL A 13 -3.88 11.82 -4.24
N VAL A 14 -2.84 11.52 -5.02
CA VAL A 14 -2.98 11.29 -6.45
C VAL A 14 -2.44 9.90 -6.80
N ILE A 15 -3.16 9.20 -7.66
CA ILE A 15 -2.70 7.91 -8.20
C ILE A 15 -1.80 8.20 -9.38
N VAL A 16 -0.50 7.96 -9.21
CA VAL A 16 0.50 8.21 -10.24
C VAL A 16 0.99 6.93 -10.88
N GLY A 17 0.34 5.80 -10.61
CA GLY A 17 0.81 4.55 -11.14
C GLY A 17 0.05 3.39 -10.53
N ARG A 18 0.42 2.19 -10.98
CA ARG A 18 -0.30 0.99 -10.59
C ARG A 18 0.58 -0.23 -10.75
N ILE A 19 0.18 -1.30 -10.08
CA ILE A 19 0.82 -2.61 -10.20
C ILE A 19 -0.28 -3.65 -10.30
N ASN A 20 -0.31 -4.40 -11.40
CA ASN A 20 -1.24 -5.51 -11.57
C ASN A 20 -0.51 -6.79 -11.19
N LEU A 21 -1.07 -7.55 -10.24
CA LEU A 21 -0.43 -8.73 -9.71
C LEU A 21 -0.96 -10.02 -10.31
N SER A 22 -2.13 -10.01 -10.95
CA SER A 22 -2.69 -11.22 -11.53
C SER A 22 -1.85 -11.68 -12.71
N GLY A 23 -1.44 -12.95 -12.67
CA GLY A 23 -0.78 -13.57 -13.81
C GLY A 23 0.71 -13.70 -13.69
N ASP A 24 1.42 -13.10 -14.64
CA ASP A 24 2.86 -13.28 -14.77
C ASP A 24 3.60 -12.47 -13.70
N THR A 25 4.92 -12.35 -13.85
CA THR A 25 5.69 -11.47 -12.99
C THR A 25 5.22 -10.04 -13.16
N ALA A 26 4.72 -9.46 -12.08
CA ALA A 26 4.13 -8.12 -12.14
C ALA A 26 5.17 -7.08 -12.53
N TYR A 27 4.68 -5.90 -12.91
CA TYR A 27 5.55 -4.76 -13.14
C TYR A 27 4.79 -3.49 -12.80
N ALA A 28 5.55 -2.43 -12.52
CA ALA A 28 4.96 -1.14 -12.22
C ALA A 28 4.65 -0.38 -13.50
N GLN A 29 3.57 0.39 -13.47
CA GLN A 29 3.12 1.18 -14.61
C GLN A 29 2.93 2.62 -14.12
N GLN A 30 3.75 3.54 -14.62
CA GLN A 30 3.58 4.95 -14.31
C GLN A 30 2.40 5.51 -15.08
N THR A 31 1.68 6.43 -14.44
CA THR A 31 0.49 7.05 -15.03
C THR A 31 0.57 8.56 -15.07
N ARG A 32 1.40 9.20 -14.24
CA ARG A 32 1.56 10.64 -14.23
C ARG A 32 3.02 10.99 -14.00
N GLY A 33 3.35 12.27 -14.26
CA GLY A 33 4.64 12.82 -13.95
C GLY A 33 4.56 13.91 -12.87
N GLU A 34 5.71 14.50 -12.58
CA GLU A 34 5.79 15.48 -11.50
C GLU A 34 4.76 16.60 -11.69
N GLU A 35 4.80 17.27 -12.84
CA GLU A 35 3.91 18.40 -13.08
C GLU A 35 2.45 17.99 -13.02
N GLY A 36 2.09 16.90 -13.69
CA GLY A 36 0.71 16.44 -13.68
C GLY A 36 0.24 16.02 -12.31
N THR A 37 1.13 15.43 -11.51
CA THR A 37 0.75 15.04 -10.15
C THR A 37 0.53 16.26 -9.27
N GLN A 38 1.39 17.27 -9.37
CA GLN A 38 1.15 18.51 -8.64
C GLN A 38 -0.18 19.14 -9.05
N GLU A 39 -0.42 19.24 -10.35
CA GLU A 39 -1.66 19.85 -10.83
C GLU A 39 -2.88 19.07 -10.34
N THR A 40 -2.82 17.74 -10.37
CA THR A 40 -3.97 16.93 -9.96
C THR A 40 -4.16 16.93 -8.46
N SER A 41 -3.07 17.11 -7.68
CA SER A 41 -3.22 17.28 -6.25
C SER A 41 -3.84 18.64 -5.92
N GLN A 42 -3.58 19.64 -6.77
CA GLN A 42 -4.25 20.93 -6.59
C GLN A 42 -5.73 20.84 -6.95
N THR A 43 -6.05 20.26 -8.11
CA THR A 43 -7.44 20.20 -8.56
C THR A 43 -8.26 19.22 -7.73
N GLY A 44 -7.86 17.96 -7.72
CA GLY A 44 -8.69 16.90 -7.18
C GLY A 44 -9.47 16.12 -8.23
N ARG A 45 -9.23 16.39 -9.50
CA ARG A 45 -9.91 15.71 -10.61
C ARG A 45 -8.92 14.82 -11.32
N ASP A 46 -9.19 13.51 -11.34
CA ASP A 46 -8.29 12.52 -11.91
C ASP A 46 -8.87 12.01 -13.23
N LYS A 47 -8.26 12.43 -14.34
CA LYS A 47 -8.73 12.00 -15.65
C LYS A 47 -8.45 10.52 -15.90
N ASN A 48 -7.36 10.00 -15.35
CA ASN A 48 -6.93 8.65 -15.68
C ASN A 48 -7.86 7.60 -15.07
N VAL A 49 -7.91 6.44 -15.72
CA VAL A 49 -8.68 5.32 -15.22
C VAL A 49 -7.85 4.58 -14.18
N VAL A 50 -8.54 3.87 -13.28
CA VAL A 50 -7.91 3.08 -12.24
C VAL A 50 -7.84 1.64 -12.72
N THR A 51 -6.64 1.09 -12.76
CA THR A 51 -6.43 -0.32 -13.11
C THR A 51 -5.41 -0.92 -12.14
N GLY A 52 -5.69 -2.11 -11.67
CA GLY A 52 -4.75 -2.85 -10.83
C GLY A 52 -5.24 -2.96 -9.40
N GLU A 53 -4.54 -3.82 -8.65
CA GLU A 53 -4.85 -4.04 -7.24
C GLU A 53 -4.04 -3.16 -6.31
N VAL A 54 -2.85 -2.75 -6.74
CA VAL A 54 -1.97 -1.90 -5.95
C VAL A 54 -1.76 -0.61 -6.72
N GLN A 55 -2.06 0.51 -6.06
CA GLN A 55 -1.92 1.83 -6.66
C GLN A 55 -0.70 2.51 -6.08
N VAL A 56 0.01 3.23 -6.93
CA VAL A 56 1.10 4.10 -6.51
C VAL A 56 0.48 5.46 -6.18
N LEU A 57 0.65 5.90 -4.94
CA LEU A 57 0.05 7.12 -4.43
C LEU A 57 1.12 8.16 -4.15
N SER A 58 0.79 9.44 -4.38
CA SER A 58 1.71 10.53 -4.14
C SER A 58 0.98 11.75 -3.59
N THR A 59 1.66 12.46 -2.71
CA THR A 59 1.27 13.81 -2.33
C THR A 59 2.25 14.78 -2.99
N ALA A 60 2.13 16.06 -2.66
CA ALA A 60 3.09 17.02 -3.19
C ALA A 60 4.51 16.77 -2.67
N THR A 61 4.67 15.95 -1.64
CA THR A 61 5.96 15.80 -0.99
C THR A 61 6.37 14.34 -0.78
N GLN A 62 5.40 13.43 -0.70
CA GLN A 62 5.68 12.04 -0.41
C GLN A 62 5.05 11.11 -1.43
N THR A 63 5.67 9.94 -1.59
CA THR A 63 5.15 8.89 -2.45
C THR A 63 5.22 7.55 -1.72
N PHE A 64 4.18 6.75 -1.89
CA PHE A 64 3.96 5.51 -1.14
C PHE A 64 2.97 4.69 -1.96
N LEU A 65 2.43 3.63 -1.36
CA LEU A 65 1.54 2.72 -2.05
C LEU A 65 0.21 2.60 -1.34
N GLY A 66 -0.76 2.09 -2.07
CA GLY A 66 -2.03 1.68 -1.50
C GLY A 66 -2.46 0.36 -2.09
N THR A 67 -3.15 -0.42 -1.29
CA THR A 67 -3.56 -1.77 -1.67
C THR A 67 -5.08 -1.85 -1.62
N THR A 68 -5.68 -2.38 -2.68
CA THR A 68 -7.12 -2.50 -2.77
C THR A 68 -7.57 -3.83 -2.18
N VAL A 69 -8.35 -3.75 -1.10
CA VAL A 69 -8.90 -4.92 -0.45
C VAL A 69 -10.35 -4.63 -0.10
N GLY A 70 -11.22 -5.60 -0.34
CA GLY A 70 -12.62 -5.46 0.04
C GLY A 70 -13.29 -4.21 -0.47
N GLY A 71 -12.94 -3.78 -1.69
CA GLY A 71 -13.52 -2.60 -2.28
C GLY A 71 -12.98 -1.28 -1.79
N VAL A 72 -11.89 -1.29 -1.02
CA VAL A 72 -11.34 -0.09 -0.42
C VAL A 72 -9.85 -0.02 -0.74
N ILE A 73 -9.38 1.17 -1.09
CA ILE A 73 -7.95 1.43 -1.19
C ILE A 73 -7.44 1.79 0.19
N TRP A 74 -6.58 0.94 0.74
CA TRP A 74 -5.98 1.12 2.05
C TRP A 74 -4.54 1.61 1.91
N THR A 75 -4.12 2.45 2.84
CA THR A 75 -2.75 2.95 2.86
C THR A 75 -2.42 3.43 4.26
N VAL A 76 -1.23 4.02 4.42
CA VAL A 76 -0.71 4.42 5.72
C VAL A 76 -1.08 5.87 6.03
N TYR A 77 -1.42 6.12 7.29
CA TYR A 77 -1.68 7.48 7.71
C TYR A 77 -0.44 8.35 7.61
N HIS A 78 0.72 7.79 7.93
CA HIS A 78 1.93 8.62 7.82
C HIS A 78 2.23 9.03 6.39
N GLY A 79 1.54 8.47 5.41
CA GLY A 79 1.71 8.92 4.05
C GLY A 79 0.59 9.85 3.60
N ALA A 80 -0.65 9.42 3.80
CA ALA A 80 -1.78 10.17 3.29
C ALA A 80 -2.34 11.17 4.29
N GLY A 81 -2.03 11.01 5.57
CA GLY A 81 -2.71 11.80 6.58
C GLY A 81 -4.21 11.67 6.43
N SER A 82 -4.90 12.81 6.56
CA SER A 82 -6.36 12.85 6.43
C SER A 82 -6.80 13.36 5.07
N ARG A 83 -5.89 13.38 4.10
CA ARG A 83 -6.19 13.98 2.81
C ARG A 83 -7.18 13.12 2.03
N THR A 84 -7.77 13.74 1.01
CA THR A 84 -8.70 13.07 0.13
C THR A 84 -7.95 12.49 -1.07
N LEU A 85 -8.64 11.64 -1.82
CA LEU A 85 -8.07 10.95 -2.98
C LEU A 85 -8.74 11.47 -4.25
N ALA A 86 -7.95 12.01 -5.16
CA ALA A 86 -8.47 12.49 -6.44
C ALA A 86 -9.32 11.42 -7.11
N GLY A 87 -10.39 11.87 -7.79
CA GLY A 87 -11.32 10.96 -8.42
C GLY A 87 -11.84 11.53 -9.72
N ALA A 88 -12.75 10.78 -10.36
CA ALA A 88 -13.28 11.15 -11.66
C ALA A 88 -13.86 12.56 -11.64
N LYS A 89 -14.89 12.78 -10.82
CA LYS A 89 -15.54 14.08 -10.73
C LYS A 89 -14.97 14.93 -9.61
N HIS A 90 -14.98 14.39 -8.39
CA HIS A 90 -14.51 15.09 -7.20
C HIS A 90 -13.68 14.13 -6.38
N PRO A 91 -12.86 14.64 -5.46
CA PRO A 91 -12.05 13.76 -4.62
C PRO A 91 -12.91 12.98 -3.64
N ALA A 92 -12.46 11.76 -3.33
CA ALA A 92 -13.18 10.88 -2.42
C ALA A 92 -12.71 11.09 -0.99
N LEU A 93 -13.67 11.12 -0.06
CA LEU A 93 -13.36 11.29 1.34
C LEU A 93 -13.01 9.94 1.97
N GLN A 94 -12.17 9.99 3.00
CA GLN A 94 -11.74 8.77 3.67
C GLN A 94 -12.90 8.14 4.40
N MET A 95 -13.21 6.88 4.07
N MET A 95 -13.19 6.88 4.07
CA MET A 95 -14.19 6.13 4.84
CA MET A 95 -14.19 6.10 4.80
C MET A 95 -13.57 5.47 6.07
C MET A 95 -13.63 5.49 6.07
N TYR A 96 -12.24 5.44 6.18
N TYR A 96 -12.31 5.46 6.22
CA TYR A 96 -11.60 4.86 7.36
CA TYR A 96 -11.70 4.93 7.43
C TYR A 96 -10.37 5.69 7.72
C TYR A 96 -10.43 5.70 7.73
N THR A 97 -10.23 6.00 9.02
CA THR A 97 -9.04 6.69 9.50
C THR A 97 -8.74 6.17 10.91
N ASN A 98 -7.50 5.72 11.13
CA ASN A 98 -7.10 5.21 12.44
C ASN A 98 -5.60 5.48 12.62
N VAL A 99 -5.29 6.51 13.41
CA VAL A 99 -3.91 6.93 13.61
C VAL A 99 -3.13 5.88 14.39
N ASP A 100 -3.77 5.25 15.37
CA ASP A 100 -3.11 4.24 16.18
C ASP A 100 -2.61 3.08 15.34
N GLN A 101 -3.38 2.70 14.33
CA GLN A 101 -3.01 1.63 13.40
C GLN A 101 -2.24 2.13 12.19
N ASP A 102 -2.05 3.45 12.06
CA ASP A 102 -1.40 4.04 10.89
C ASP A 102 -2.13 3.65 9.62
N LEU A 103 -3.46 3.66 9.66
CA LEU A 103 -4.28 3.11 8.60
C LEU A 103 -5.30 4.13 8.13
N VAL A 104 -5.47 4.23 6.81
CA VAL A 104 -6.54 5.04 6.24
C VAL A 104 -7.07 4.32 5.01
N GLY A 105 -8.30 4.64 4.65
CA GLY A 105 -8.96 3.94 3.57
C GLY A 105 -10.01 4.76 2.86
N TRP A 106 -9.92 4.79 1.52
CA TRP A 106 -10.88 5.43 0.63
C TRP A 106 -11.71 4.37 -0.11
N PRO A 107 -12.95 4.69 -0.47
CA PRO A 107 -13.70 3.77 -1.34
C PRO A 107 -12.97 3.52 -2.64
N ALA A 108 -12.83 2.25 -3.00
CA ALA A 108 -12.17 1.89 -4.24
C ALA A 108 -13.03 2.34 -5.42
N PRO A 109 -12.48 3.10 -6.36
CA PRO A 109 -13.27 3.54 -7.51
C PRO A 109 -13.42 2.43 -8.54
N PRO A 110 -14.17 2.66 -9.60
CA PRO A 110 -14.31 1.64 -10.65
C PRO A 110 -12.96 1.29 -11.27
N GLY A 111 -12.76 -0.01 -11.51
CA GLY A 111 -11.56 -0.53 -12.09
C GLY A 111 -10.57 -1.09 -11.08
N ALA A 112 -10.60 -0.59 -9.85
CA ALA A 112 -9.74 -1.10 -8.80
C ALA A 112 -10.14 -2.53 -8.47
N LYS A 113 -9.20 -3.46 -8.63
CA LYS A 113 -9.44 -4.87 -8.34
C LYS A 113 -9.02 -5.17 -6.91
N SER A 114 -9.91 -5.79 -6.15
CA SER A 114 -9.60 -6.13 -4.77
C SER A 114 -8.81 -7.43 -4.70
N LEU A 115 -7.89 -7.50 -3.74
CA LEU A 115 -7.18 -8.72 -3.43
C LEU A 115 -7.92 -9.48 -2.35
N GLU A 116 -7.84 -10.80 -2.41
CA GLU A 116 -8.56 -11.61 -1.44
C GLU A 116 -7.71 -11.79 -0.18
N PRO A 117 -8.33 -11.69 0.99
CA PRO A 117 -7.59 -11.94 2.22
C PRO A 117 -7.03 -13.35 2.29
N CYS A 118 -5.89 -13.48 2.96
CA CYS A 118 -5.26 -14.75 3.18
C CYS A 118 -5.79 -15.41 4.45
N ALA A 119 -6.06 -16.72 4.36
CA ALA A 119 -6.46 -17.50 5.52
C ALA A 119 -5.77 -18.85 5.57
N CYS A 120 -4.68 -19.03 4.81
CA CYS A 120 -3.99 -20.30 4.74
C CYS A 120 -3.08 -20.56 5.93
N GLY A 121 -2.77 -19.53 6.72
CA GLY A 121 -1.83 -19.69 7.81
C GLY A 121 -0.39 -19.86 7.38
N SER A 122 -0.09 -19.65 6.10
CA SER A 122 1.28 -19.75 5.62
C SER A 122 2.14 -18.65 6.23
N SER A 123 3.27 -19.05 6.79
CA SER A 123 4.25 -18.10 7.29
C SER A 123 5.25 -17.63 6.24
N ASP A 124 5.14 -18.10 4.98
CA ASP A 124 6.08 -17.71 3.92
C ASP A 124 5.48 -16.55 3.14
N LEU A 125 5.76 -15.32 3.59
CA LEU A 125 5.16 -14.14 2.98
C LEU A 125 6.18 -13.43 2.08
N TYR A 126 5.69 -12.49 1.29
CA TYR A 126 6.59 -11.59 0.58
C TYR A 126 5.92 -10.25 0.42
N LEU A 127 6.73 -9.19 0.50
CA LEU A 127 6.32 -7.85 0.16
C LEU A 127 6.47 -7.61 -1.33
N VAL A 128 5.50 -6.91 -1.92
CA VAL A 128 5.65 -6.37 -3.26
C VAL A 128 5.97 -4.89 -3.14
N THR A 129 7.14 -4.47 -3.65
CA THR A 129 7.58 -3.10 -3.52
C THR A 129 6.93 -2.21 -4.58
N ARG A 130 7.22 -0.90 -4.48
CA ARG A 130 6.68 0.08 -5.43
C ARG A 130 7.21 -0.16 -6.83
N ASP A 131 8.39 -0.80 -6.94
CA ASP A 131 9.00 -1.19 -8.19
C ASP A 131 8.64 -2.61 -8.61
N ALA A 132 7.69 -3.24 -7.92
CA ALA A 132 7.20 -4.58 -8.20
C ALA A 132 8.22 -5.67 -7.84
N ASP A 133 9.26 -5.34 -7.08
CA ASP A 133 10.16 -6.37 -6.57
C ASP A 133 9.45 -7.23 -5.51
N VAL A 134 9.82 -8.50 -5.44
CA VAL A 134 9.30 -9.45 -4.46
C VAL A 134 10.34 -9.61 -3.37
N ILE A 135 9.97 -9.38 -2.13
CA ILE A 135 10.93 -9.46 -1.04
C ILE A 135 10.40 -10.42 0.02
N PRO A 136 10.94 -11.63 0.12
CA PRO A 136 10.36 -12.62 1.03
C PRO A 136 10.72 -12.38 2.49
N ALA A 137 9.81 -12.80 3.35
CA ALA A 137 9.95 -12.66 4.79
C ALA A 137 9.09 -13.74 5.48
N ARG A 138 9.59 -14.25 6.60
CA ARG A 138 8.97 -15.33 7.36
C ARG A 138 8.16 -14.75 8.54
N ARG A 139 6.85 -14.96 8.51
CA ARG A 139 5.97 -14.43 9.55
C ARG A 139 6.31 -15.04 10.90
N ARG A 140 6.55 -14.17 11.89
CA ARG A 140 6.90 -14.63 13.23
C ARG A 140 5.97 -14.10 14.30
N GLY A 141 4.89 -13.45 13.91
CA GLY A 141 3.92 -12.92 14.83
C GLY A 141 2.74 -12.41 14.04
N ASP A 142 1.82 -11.74 14.74
N ASP A 142 1.84 -11.74 14.77
CA ASP A 142 0.61 -11.30 14.07
CA ASP A 142 0.62 -11.24 14.16
C ASP A 142 0.89 -10.13 13.13
C ASP A 142 0.92 -10.17 13.13
N SER A 143 1.95 -9.35 13.37
CA SER A 143 2.19 -8.18 12.53
C SER A 143 3.64 -8.02 12.12
N THR A 144 4.47 -9.04 12.30
CA THR A 144 5.88 -8.96 11.95
C THR A 144 6.29 -10.16 11.10
N ALA A 145 7.27 -9.92 10.23
CA ALA A 145 7.86 -10.98 9.41
C ALA A 145 9.34 -10.68 9.23
N SER A 146 10.16 -11.69 9.43
CA SER A 146 11.62 -11.52 9.40
C SER A 146 12.13 -11.64 7.97
N LEU A 147 12.97 -10.69 7.54
CA LEU A 147 13.53 -10.78 6.20
C LEU A 147 14.44 -12.00 6.07
N LEU A 148 14.35 -12.69 4.93
CA LEU A 148 15.22 -13.86 4.73
C LEU A 148 16.67 -13.43 4.60
N SER A 149 16.90 -12.22 4.07
N SER A 149 16.91 -12.22 4.09
CA SER A 149 18.21 -11.61 4.06
CA SER A 149 18.22 -11.62 4.08
C SER A 149 17.97 -10.15 4.48
C SER A 149 18.01 -10.15 4.44
N PRO A 150 18.77 -9.60 5.39
CA PRO A 150 18.66 -8.16 5.66
C PRO A 150 19.02 -7.37 4.41
N ARG A 151 18.40 -6.20 4.26
CA ARG A 151 18.70 -5.39 3.09
C ARG A 151 18.63 -3.93 3.50
N PRO A 152 19.37 -3.06 2.81
CA PRO A 152 19.34 -1.65 3.16
C PRO A 152 17.93 -1.08 3.20
N LEU A 153 17.67 -0.28 4.23
CA LEU A 153 16.36 0.32 4.42
C LEU A 153 15.92 1.15 3.23
N ALA A 154 16.85 1.81 2.54
CA ALA A 154 16.49 2.67 1.43
C ALA A 154 15.73 1.90 0.35
N TYR A 155 16.00 0.60 0.18
CA TYR A 155 15.28 -0.18 -0.83
C TYR A 155 13.81 -0.39 -0.48
N LEU A 156 13.43 -0.29 0.80
CA LEU A 156 12.05 -0.46 1.24
C LEU A 156 11.29 0.87 1.31
N LYS A 157 11.98 2.00 1.32
N LYS A 157 11.98 1.99 1.34
CA LYS A 157 11.34 3.30 1.36
CA LYS A 157 11.33 3.30 1.39
C LYS A 157 10.37 3.48 0.19
C LYS A 157 10.39 3.50 0.21
N GLY A 158 9.23 4.08 0.48
CA GLY A 158 8.24 4.32 -0.54
C GLY A 158 7.31 3.16 -0.83
N SER A 159 7.47 2.03 -0.15
CA SER A 159 6.60 0.87 -0.33
C SER A 159 5.62 0.68 0.83
N SER A 160 5.56 1.62 1.78
CA SER A 160 4.52 1.52 2.79
C SER A 160 3.15 1.56 2.10
N GLY A 161 2.19 0.84 2.69
CA GLY A 161 0.92 0.60 2.06
C GLY A 161 0.91 -0.50 1.01
N GLY A 162 2.07 -1.04 0.66
CA GLY A 162 2.15 -2.13 -0.29
C GLY A 162 1.74 -3.43 0.36
N PRO A 163 1.44 -4.43 -0.46
CA PRO A 163 0.88 -5.67 0.07
C PRO A 163 1.94 -6.64 0.55
N VAL A 164 1.65 -7.27 1.68
CA VAL A 164 2.39 -8.44 2.15
C VAL A 164 1.54 -9.65 1.80
N MET A 165 2.05 -10.50 0.93
CA MET A 165 1.30 -11.55 0.26
C MET A 165 1.66 -12.92 0.79
N CYS A 166 0.72 -13.86 0.65
CA CYS A 166 0.98 -15.26 0.90
C CYS A 166 1.32 -15.96 -0.41
N PRO A 167 1.79 -17.20 -0.35
CA PRO A 167 2.14 -17.89 -1.60
C PRO A 167 0.99 -17.97 -2.60
N SER A 168 -0.26 -17.95 -2.12
CA SER A 168 -1.44 -18.14 -2.96
C SER A 168 -1.84 -16.89 -3.73
N GLY A 169 -1.21 -15.75 -3.46
CA GLY A 169 -1.65 -14.51 -4.06
C GLY A 169 -2.71 -13.78 -3.28
N HIS A 170 -2.94 -14.15 -2.03
CA HIS A 170 -3.85 -13.44 -1.15
C HIS A 170 -3.07 -12.50 -0.25
N VAL A 171 -3.74 -11.45 0.22
CA VAL A 171 -3.10 -10.41 1.01
C VAL A 171 -3.17 -10.78 2.48
N ALA A 172 -2.01 -10.98 3.10
CA ALA A 172 -1.93 -11.16 4.54
C ALA A 172 -1.83 -9.84 5.32
N GLY A 173 -1.36 -8.77 4.69
CA GLY A 173 -1.17 -7.54 5.44
C GLY A 173 -0.76 -6.39 4.55
N ILE A 174 -0.68 -5.22 5.17
CA ILE A 174 -0.31 -3.96 4.53
C ILE A 174 0.96 -3.45 5.19
N PHE A 175 2.00 -3.24 4.39
CA PHE A 175 3.31 -2.79 4.88
C PHE A 175 3.21 -1.44 5.57
N ARG A 176 3.66 -1.38 6.82
CA ARG A 176 3.59 -0.16 7.62
C ARG A 176 4.95 0.35 8.07
N ALA A 177 5.81 -0.51 8.60
CA ALA A 177 7.07 -0.01 9.16
C ALA A 177 8.12 -1.10 9.06
N ALA A 178 9.38 -0.71 9.26
CA ALA A 178 10.49 -1.65 9.21
C ALA A 178 11.27 -1.60 10.51
N VAL A 179 11.76 -2.75 10.94
CA VAL A 179 12.72 -2.83 12.03
C VAL A 179 14.09 -2.70 11.39
N SER A 180 14.76 -1.58 11.66
CA SER A 180 16.01 -1.24 11.02
C SER A 180 16.99 -0.72 12.05
N THR A 181 18.28 -0.94 11.79
N THR A 181 18.27 -0.96 11.80
CA THR A 181 19.36 -0.42 12.61
CA THR A 181 19.36 -0.45 12.62
C THR A 181 20.54 -0.07 11.72
C THR A 181 20.52 -0.07 11.71
N ARG A 182 20.99 1.18 11.82
N ARG A 182 20.98 1.18 11.81
CA ARG A 182 22.18 1.65 11.08
CA ARG A 182 22.17 1.64 11.09
C ARG A 182 22.02 1.42 9.57
C ARG A 182 22.01 1.43 9.58
N GLY A 183 20.84 1.75 9.05
CA GLY A 183 20.59 1.69 7.64
C GLY A 183 20.17 0.35 7.07
N VAL A 184 20.08 -0.70 7.89
CA VAL A 184 19.81 -2.06 7.41
C VAL A 184 18.52 -2.55 8.06
N ALA A 185 17.55 -2.94 7.23
CA ALA A 185 16.30 -3.51 7.70
C ALA A 185 16.43 -5.01 7.91
N LYS A 186 15.82 -5.49 9.01
CA LYS A 186 15.82 -6.91 9.34
C LYS A 186 14.43 -7.53 9.37
N SER A 187 13.39 -6.73 9.57
CA SER A 187 12.06 -7.29 9.59
C SER A 187 11.06 -6.23 9.15
N LEU A 188 9.91 -6.72 8.70
CA LEU A 188 8.80 -5.91 8.27
C LEU A 188 7.70 -5.98 9.31
N GLN A 189 7.01 -4.87 9.49
CA GLN A 189 5.85 -4.76 10.36
C GLN A 189 4.71 -4.28 9.48
N PHE A 190 3.58 -4.96 9.58
CA PHE A 190 2.45 -4.69 8.71
C PHE A 190 1.15 -4.69 9.50
N ILE A 191 0.13 -4.13 8.87
CA ILE A 191 -1.21 -4.12 9.42
C ILE A 191 -1.89 -5.41 8.97
N PRO A 192 -2.21 -6.35 9.89
CA PRO A 192 -2.83 -7.61 9.47
C PRO A 192 -4.09 -7.38 8.66
N VAL A 193 -4.35 -8.28 7.70
CA VAL A 193 -5.49 -8.10 6.82
C VAL A 193 -6.79 -8.20 7.61
N GLU A 194 -6.81 -9.03 8.67
CA GLU A 194 -8.01 -9.15 9.48
C GLU A 194 -8.41 -7.82 10.12
N THR A 195 -7.47 -6.88 10.22
CA THR A 195 -7.74 -5.55 10.75
C THR A 195 -8.51 -4.68 9.76
N LEU A 196 -8.41 -4.97 8.47
CA LEU A 196 -9.06 -4.14 7.46
C LEU A 196 -10.53 -4.49 7.29
N SER A 197 -10.93 -5.74 7.60
CA SER A 197 -12.33 -6.11 7.51
C SER A 197 -13.11 -5.60 8.72
N THR A 198 -12.48 -5.61 9.90
CA THR A 198 -13.08 -5.08 11.12
C THR A 198 -12.84 -3.58 11.25
N GLN A 199 -12.95 -2.85 10.14
CA GLN A 199 -12.69 -1.41 10.11
C GLN A 199 -14.00 -0.64 10.07
N ALA A 200 -14.11 0.37 10.93
CA ALA A 200 -15.35 1.12 11.10
C ALA A 200 -15.52 2.12 9.97
N ARG A 201 -16.54 1.91 9.14
CA ARG A 201 -16.86 2.87 8.08
C ARG A 201 -17.34 4.17 8.71
N SER A 202 -16.42 5.09 8.98
CA SER A 202 -16.73 6.33 9.68
C SER A 202 -17.63 7.25 8.83
#